data_3WV2
#
_entry.id   3WV2
#
_cell.length_a   143.530
_cell.length_b   35.719
_cell.length_c   94.762
_cell.angle_alpha   90.000
_cell.angle_beta   135.290
_cell.angle_gamma   90.000
#
_symmetry.space_group_name_H-M   'C 1 2 1'
#
loop_
_entity.id
_entity.type
_entity.pdbx_description
1 polymer 'Collagenase 3'
2 non-polymer 'ZINC ION'
3 non-polymer 'CALCIUM ION'
4 non-polymer 'SODIUM ION'
5 non-polymer N-(3-methoxybenzyl)-4-oxo-3,4-dihydroquinazoline-2-carboxamide
6 water water
#
_entity_poly.entity_id   1
_entity_poly.type   'polypeptide(L)'
_entity_poly.pdbx_seq_one_letter_code
;YNVFPRTLKWSKMNLTYRIVNYTPDMTHSEVEKAFKKAFKVWSDVTPLNFTRLHDGIADIMISFGIKEHGDFYPFDGPSG
LLAHAFPPGPNYGGDAHFDDDETWTSSSKGYNLFLVAAHEFGHSLGLDHSKDPGALMFPIYTYTGKSHFMLPDDDVQGIQ
SLYGPGDEDPN
;
_entity_poly.pdbx_strand_id   A,B
#
loop_
_chem_comp.id
_chem_comp.type
_chem_comp.name
_chem_comp.formula
CA non-polymer 'CALCIUM ION' 'Ca 2'
NA non-polymer 'SODIUM ION' 'Na 1'
WGG non-polymer N-(3-methoxybenzyl)-4-oxo-3,4-dihydroquinazoline-2-carboxamide 'C17 H15 N3 O3'
ZN non-polymer 'ZINC ION' 'Zn 2'
#
# COMPACT_ATOMS: atom_id res chain seq x y z
N TYR A 1 -11.35 15.04 -9.07
CA TYR A 1 -11.32 13.55 -8.93
C TYR A 1 -9.95 12.97 -9.24
N ASN A 2 -9.67 11.82 -8.64
CA ASN A 2 -8.40 11.15 -8.85
C ASN A 2 -8.54 9.64 -8.89
N VAL A 3 -8.16 9.09 -10.03
CA VAL A 3 -7.95 7.66 -10.19
C VAL A 3 -6.64 7.30 -9.48
N PHE A 4 -6.48 6.05 -9.08
CA PHE A 4 -5.21 5.59 -8.51
C PHE A 4 -4.11 5.60 -9.58
N PRO A 5 -2.87 5.96 -9.21
CA PRO A 5 -1.75 5.94 -10.17
C PRO A 5 -1.61 4.58 -10.88
N ARG A 6 -1.17 4.61 -12.13
CA ARG A 6 -1.05 3.41 -12.97
C ARG A 6 -0.06 2.38 -12.40
N THR A 7 1.02 2.88 -11.80
CA THR A 7 2.03 2.04 -11.17
C THR A 7 2.17 2.44 -9.71
N LEU A 8 2.53 1.48 -8.86
CA LEU A 8 2.89 1.75 -7.46
C LEU A 8 4.18 2.58 -7.34
N LYS A 9 4.03 3.87 -7.05
CA LYS A 9 5.18 4.75 -6.85
C LYS A 9 4.90 5.65 -5.66
N TRP A 10 5.93 6.34 -5.17
CA TRP A 10 5.69 7.39 -4.18
C TRP A 10 5.24 8.64 -4.92
N SER A 11 4.20 9.28 -4.41
CA SER A 11 3.63 10.46 -5.06
C SER A 11 4.31 11.73 -4.57
N LYS A 12 5.41 11.56 -3.85
CA LYS A 12 6.27 12.67 -3.44
C LYS A 12 7.72 12.29 -3.75
N MET A 13 8.55 13.29 -4.04
CA MET A 13 9.99 13.05 -4.28
C MET A 13 10.77 12.97 -2.98
N ASN A 14 10.25 13.62 -1.94
CA ASN A 14 10.91 13.70 -0.65
C ASN A 14 10.49 12.56 0.25
N LEU A 15 11.43 11.65 0.45
CA LEU A 15 11.16 10.47 1.24
C LEU A 15 12.04 10.49 2.47
N THR A 16 11.50 9.96 3.56
CA THR A 16 12.28 9.79 4.78
C THR A 16 12.56 8.33 5.03
N TYR A 17 13.61 8.08 5.81
CA TYR A 17 13.85 6.74 6.31
C TYR A 17 14.39 6.76 7.72
N ARG A 18 14.20 5.63 8.41
CA ARG A 18 14.61 5.49 9.79
C ARG A 18 15.24 4.12 9.99
N ILE A 19 16.47 4.12 10.51
CA ILE A 19 17.10 2.88 10.92
C ILE A 19 16.59 2.61 12.33
N VAL A 20 15.59 1.73 12.40
CA VAL A 20 14.82 1.50 13.63
C VAL A 20 15.69 0.75 14.64
N ASN A 21 16.52 -0.15 14.11
CA ASN A 21 17.48 -0.85 14.93
C ASN A 21 18.61 -1.34 14.03
N TYR A 22 19.58 -2.00 14.64
CA TYR A 22 20.85 -2.27 14.00
C TYR A 22 21.26 -3.70 14.26
N THR A 23 21.88 -4.30 13.26
CA THR A 23 22.45 -5.63 13.34
C THR A 23 23.62 -5.65 14.33
N PRO A 24 23.87 -6.82 14.95
CA PRO A 24 25.11 -6.97 15.72
C PRO A 24 26.36 -6.93 14.82
N ASP A 25 26.19 -7.22 13.52
CA ASP A 25 27.29 -7.61 12.65
C ASP A 25 28.22 -6.45 12.27
N MET A 26 27.71 -5.22 12.33
CA MET A 26 28.40 -4.05 11.85
C MET A 26 28.16 -2.91 12.83
N THR A 27 29.06 -1.92 12.82
CA THR A 27 28.88 -0.74 13.66
C THR A 27 27.71 0.09 13.18
N HIS A 28 27.17 0.92 14.07
CA HIS A 28 26.12 1.87 13.71
C HIS A 28 26.53 2.61 12.45
N SER A 29 27.77 3.11 12.48
CA SER A 29 28.34 3.87 11.38
C SER A 29 28.38 3.09 10.05
N GLU A 30 28.79 1.83 10.13
CA GLU A 30 28.82 0.96 8.95
C GLU A 30 27.45 0.72 8.37
N VAL A 31 26.46 0.57 9.24
CA VAL A 31 25.09 0.36 8.79
C VAL A 31 24.55 1.64 8.15
N GLU A 32 24.68 2.76 8.85
CA GLU A 32 24.27 4.05 8.32
C GLU A 32 24.93 4.37 6.98
N LYS A 33 26.23 4.05 6.85
CA LYS A 33 26.96 4.24 5.62
C LYS A 33 26.38 3.40 4.48
N ALA A 34 26.24 2.11 4.75
CA ALA A 34 25.61 1.17 3.82
C ALA A 34 24.27 1.68 3.27
N PHE A 35 23.35 2.04 4.17
CA PHE A 35 22.01 2.49 3.79
C PHE A 35 22.08 3.83 3.04
N LYS A 36 22.96 4.71 3.51
CA LYS A 36 23.16 6.02 2.87
C LYS A 36 23.59 5.85 1.40
N LYS A 37 24.54 4.93 1.18
CA LYS A 37 25.02 4.60 -0.16
C LYS A 37 23.93 3.92 -0.99
N ALA A 38 23.15 3.06 -0.34
CA ALA A 38 22.07 2.35 -1.02
C ALA A 38 20.96 3.28 -1.48
N PHE A 39 20.64 4.30 -0.68
CA PHE A 39 19.66 5.30 -1.10
C PHE A 39 20.18 6.16 -2.23
N LYS A 40 21.47 6.49 -2.19
CA LYS A 40 22.10 7.38 -3.14
C LYS A 40 22.19 6.74 -4.52
N VAL A 41 22.24 5.41 -4.54
CA VAL A 41 22.15 4.65 -5.78
C VAL A 41 20.88 5.05 -6.52
N TRP A 42 19.80 5.27 -5.79
CA TRP A 42 18.54 5.63 -6.43
C TRP A 42 18.35 7.14 -6.62
N SER A 43 18.78 7.96 -5.66
CA SER A 43 18.58 9.40 -5.77
C SER A 43 19.47 10.01 -6.87
N ASP A 44 20.56 9.33 -7.18
CA ASP A 44 21.51 9.79 -8.19
C ASP A 44 20.93 9.75 -9.60
N VAL A 45 19.94 8.87 -9.81
CA VAL A 45 19.38 8.63 -11.13
C VAL A 45 17.90 9.00 -11.26
N THR A 46 17.38 9.65 -10.20
CA THR A 46 16.00 10.11 -10.14
C THR A 46 15.98 11.48 -9.45
N PRO A 47 14.76 12.08 -9.29
CA PRO A 47 14.62 13.31 -8.50
C PRO A 47 14.30 13.07 -7.01
N LEU A 48 14.51 11.84 -6.56
CA LEU A 48 14.20 11.41 -5.20
C LEU A 48 15.19 11.97 -4.19
N ASN A 49 14.67 12.50 -3.09
CA ASN A 49 15.49 12.94 -1.99
C ASN A 49 15.18 12.07 -0.78
N PHE A 50 16.23 11.67 -0.08
CA PHE A 50 16.09 10.79 1.07
C PHE A 50 16.66 11.49 2.27
N THR A 51 15.83 11.64 3.30
CA THR A 51 16.27 12.21 4.55
C THR A 51 16.15 11.14 5.61
N ARG A 52 17.21 11.01 6.40
CA ARG A 52 17.20 10.12 7.53
C ARG A 52 16.54 10.80 8.73
N LEU A 53 15.61 10.08 9.36
CA LEU A 53 15.05 10.45 10.67
C LEU A 53 15.66 9.56 11.73
N HIS A 54 15.96 10.13 12.89
CA HIS A 54 16.48 9.35 13.99
C HIS A 54 15.35 8.66 14.72
N ASP A 55 14.19 9.31 14.72
CA ASP A 55 13.03 8.82 15.41
C ASP A 55 11.78 9.23 14.65
N GLY A 56 10.64 8.72 15.09
CA GLY A 56 9.35 9.05 14.48
C GLY A 56 8.98 8.14 13.33
N ILE A 57 7.94 8.50 12.61
CA ILE A 57 7.49 7.67 11.50
C ILE A 57 8.14 8.21 10.23
N ALA A 58 8.80 7.31 9.51
CA ALA A 58 9.43 7.61 8.25
C ALA A 58 8.72 6.83 7.18
N ASP A 59 8.86 7.29 5.94
CA ASP A 59 8.33 6.57 4.80
C ASP A 59 8.91 5.18 4.77
N ILE A 60 10.23 5.09 4.84
CA ILE A 60 10.91 3.80 4.76
C ILE A 60 11.45 3.44 6.14
N MET A 61 10.72 2.60 6.86
CA MET A 61 11.15 2.12 8.16
C MET A 61 12.03 0.90 7.93
N ILE A 62 13.30 1.05 8.30
CA ILE A 62 14.28 -0.02 8.14
C ILE A 62 14.50 -0.67 9.48
N SER A 63 14.50 -1.99 9.50
CA SER A 63 14.82 -2.72 10.71
C SER A 63 15.44 -4.09 10.44
N PHE A 64 16.14 -4.57 11.45
CA PHE A 64 16.69 -5.92 11.46
C PHE A 64 15.87 -6.77 12.43
N GLY A 65 15.43 -7.93 11.97
CA GLY A 65 14.63 -8.83 12.78
C GLY A 65 14.89 -10.26 12.37
N ILE A 66 14.37 -11.20 13.15
CA ILE A 66 14.49 -12.62 12.80
C ILE A 66 13.13 -13.24 12.92
N LYS A 67 12.91 -14.30 12.15
CA LYS A 67 11.69 -15.09 12.20
C LYS A 67 10.48 -14.21 12.04
N GLU A 68 9.46 -14.42 12.87
CA GLU A 68 8.33 -13.52 12.98
C GLU A 68 8.80 -12.19 13.54
N HIS A 69 8.58 -11.12 12.79
CA HIS A 69 9.01 -9.79 13.23
C HIS A 69 7.93 -8.74 12.97
N GLY A 70 6.70 -9.19 12.75
CA GLY A 70 5.55 -8.28 12.64
C GLY A 70 4.95 -8.08 11.24
N ASP A 71 5.05 -9.10 10.39
CA ASP A 71 4.36 -9.07 9.10
C ASP A 71 4.02 -10.48 8.68
N PHE A 72 3.59 -10.65 7.43
CA PHE A 72 3.25 -11.97 6.92
C PHE A 72 4.43 -12.67 6.29
N TYR A 73 5.64 -12.16 6.55
CA TYR A 73 6.83 -12.63 5.84
C TYR A 73 7.93 -12.97 6.84
N PRO A 74 7.65 -13.98 7.71
CA PRO A 74 8.64 -14.33 8.73
C PRO A 74 9.94 -14.78 8.09
N PHE A 75 11.07 -14.43 8.71
CA PHE A 75 12.33 -14.87 8.18
C PHE A 75 12.56 -16.32 8.62
N ASP A 76 13.68 -16.90 8.17
CA ASP A 76 13.83 -18.35 8.16
C ASP A 76 15.16 -18.83 8.71
N GLY A 77 15.85 -18.00 9.48
CA GLY A 77 17.17 -18.37 9.98
C GLY A 77 18.26 -18.14 8.94
N PRO A 78 19.48 -18.65 9.21
CA PRO A 78 20.62 -18.41 8.33
C PRO A 78 20.35 -18.84 6.88
N SER A 79 20.85 -18.06 5.92
CA SER A 79 20.65 -18.35 4.49
C SER A 79 19.15 -18.32 4.10
N GLY A 80 18.84 -18.76 2.87
CA GLY A 80 17.45 -18.67 2.37
C GLY A 80 17.07 -17.21 2.20
N LEU A 81 15.88 -16.82 2.69
CA LEU A 81 15.43 -15.41 2.65
C LEU A 81 16.42 -14.49 3.36
N LEU A 82 16.75 -13.36 2.73
CA LEU A 82 17.75 -12.42 3.25
C LEU A 82 17.15 -11.13 3.80
N ALA A 83 16.13 -10.66 3.11
CA ALA A 83 15.58 -9.34 3.35
C ALA A 83 14.38 -9.25 2.46
N HIS A 84 13.47 -8.35 2.80
CA HIS A 84 12.38 -8.00 1.91
C HIS A 84 11.98 -6.56 2.18
N ALA A 85 11.37 -5.93 1.20
CA ALA A 85 10.83 -4.61 1.39
C ALA A 85 9.47 -4.57 0.74
N PHE A 86 8.63 -3.65 1.21
CA PHE A 86 7.29 -3.49 0.70
C PHE A 86 7.24 -2.35 -0.33
N PRO A 87 6.42 -2.52 -1.40
CA PRO A 87 6.25 -1.47 -2.42
C PRO A 87 5.69 -0.19 -1.82
N PRO A 88 5.79 0.94 -2.55
CA PRO A 88 5.29 2.21 -2.02
C PRO A 88 3.84 2.13 -1.52
N GLY A 89 3.60 2.76 -0.37
CA GLY A 89 2.27 2.73 0.22
C GLY A 89 2.35 3.18 1.66
N PRO A 90 1.19 3.30 2.32
CA PRO A 90 1.17 3.72 3.73
C PRO A 90 1.66 2.58 4.64
N ASN A 91 2.02 2.93 5.87
CA ASN A 91 2.37 1.97 6.92
C ASN A 91 3.57 1.14 6.56
N TYR A 92 3.39 -0.17 6.35
CA TYR A 92 4.52 -1.04 6.04
C TYR A 92 5.04 -0.83 4.61
N GLY A 93 4.26 -0.12 3.79
CA GLY A 93 4.72 0.31 2.47
C GLY A 93 6.07 1.00 2.53
N GLY A 94 7.01 0.59 1.68
CA GLY A 94 8.35 1.18 1.68
C GLY A 94 9.31 0.59 2.70
N ASP A 95 8.79 -0.03 3.76
CA ASP A 95 9.62 -0.61 4.80
C ASP A 95 10.45 -1.78 4.30
N ALA A 96 11.65 -1.91 4.88
CA ALA A 96 12.63 -2.89 4.48
C ALA A 96 13.06 -3.62 5.74
N HIS A 97 12.98 -4.94 5.70
CA HIS A 97 13.35 -5.78 6.82
C HIS A 97 14.50 -6.64 6.41
N PHE A 98 15.50 -6.73 7.29
CA PHE A 98 16.69 -7.51 6.98
C PHE A 98 16.77 -8.65 7.95
N ASP A 99 17.11 -9.83 7.44
CA ASP A 99 17.15 -11.02 8.29
C ASP A 99 18.44 -11.01 9.09
N ASP A 100 18.30 -10.74 10.38
CA ASP A 100 19.48 -10.71 11.22
C ASP A 100 19.98 -12.08 11.67
N ASP A 101 19.45 -13.15 11.06
CA ASP A 101 20.13 -14.45 11.13
C ASP A 101 21.22 -14.58 10.03
N GLU A 102 21.27 -13.62 9.12
CA GLU A 102 22.37 -13.51 8.16
C GLU A 102 23.52 -12.74 8.79
N THR A 103 24.72 -12.97 8.27
CA THR A 103 25.89 -12.16 8.57
C THR A 103 25.96 -10.98 7.58
N TRP A 104 25.68 -9.79 8.10
CA TRP A 104 25.70 -8.62 7.25
C TRP A 104 27.07 -7.98 7.27
N THR A 105 27.60 -7.63 6.11
CA THR A 105 28.96 -7.12 6.02
C THR A 105 29.09 -5.89 5.14
N SER A 106 30.28 -5.30 5.18
CA SER A 106 30.68 -4.22 4.29
C SER A 106 31.82 -4.73 3.39
N SER A 107 31.83 -6.05 3.20
CA SER A 107 32.81 -6.70 2.36
C SER A 107 32.09 -7.72 1.45
N SER A 108 32.85 -8.68 0.93
CA SER A 108 32.32 -9.77 0.11
C SER A 108 31.84 -10.93 0.98
N LYS A 109 32.17 -10.88 2.27
CA LYS A 109 31.77 -11.92 3.22
C LYS A 109 30.27 -11.87 3.47
N GLY A 110 29.73 -12.97 4.00
CA GLY A 110 28.31 -13.09 4.32
C GLY A 110 27.46 -12.45 3.24
N TYR A 111 26.56 -11.55 3.66
CA TYR A 111 25.78 -10.77 2.71
C TYR A 111 26.11 -9.28 2.86
N ASN A 112 26.49 -8.65 1.76
CA ASN A 112 26.77 -7.21 1.72
C ASN A 112 25.52 -6.39 2.02
N LEU A 113 25.52 -5.69 3.14
CA LEU A 113 24.36 -4.92 3.55
C LEU A 113 24.02 -3.86 2.51
N PHE A 114 25.03 -3.16 2.02
CA PHE A 114 24.77 -2.12 1.02
C PHE A 114 24.06 -2.69 -0.21
N LEU A 115 24.55 -3.81 -0.72
CA LEU A 115 24.06 -4.39 -1.96
C LEU A 115 22.63 -4.89 -1.80
N VAL A 116 22.39 -5.62 -0.71
CA VAL A 116 21.04 -6.06 -0.43
C VAL A 116 20.10 -4.89 -0.14
N ALA A 117 20.58 -3.88 0.56
CA ALA A 117 19.76 -2.68 0.85
C ALA A 117 19.39 -1.95 -0.44
N ALA A 118 20.37 -1.73 -1.30
CA ALA A 118 20.14 -1.06 -2.58
C ALA A 118 19.03 -1.79 -3.34
N HIS A 119 19.16 -3.12 -3.39
CA HIS A 119 18.12 -3.96 -3.98
C HIS A 119 16.80 -3.76 -3.25
N GLU A 120 16.82 -3.91 -1.92
CA GLU A 120 15.59 -3.76 -1.14
C GLU A 120 14.91 -2.41 -1.39
N PHE A 121 15.71 -1.33 -1.46
CA PHE A 121 15.16 0.02 -1.65
C PHE A 121 14.55 0.17 -3.03
N GLY A 122 15.02 -0.61 -4.00
CA GLY A 122 14.34 -0.75 -5.29
C GLY A 122 12.88 -1.13 -5.07
N HIS A 123 12.66 -2.18 -4.29
CA HIS A 123 11.30 -2.61 -3.96
C HIS A 123 10.55 -1.52 -3.24
N SER A 124 11.19 -0.87 -2.27
CA SER A 124 10.56 0.21 -1.50
C SER A 124 10.08 1.35 -2.40
N LEU A 125 10.66 1.44 -3.59
CA LEU A 125 10.41 2.55 -4.48
C LEU A 125 9.50 2.17 -5.63
N GLY A 126 9.18 0.89 -5.74
CA GLY A 126 8.28 0.42 -6.78
C GLY A 126 8.84 -0.54 -7.81
N LEU A 127 10.07 -1.00 -7.62
CA LEU A 127 10.61 -2.00 -8.53
C LEU A 127 10.43 -3.42 -8.03
N ASP A 128 9.98 -4.25 -8.94
CA ASP A 128 9.97 -5.67 -8.69
C ASP A 128 11.29 -6.21 -9.26
N HIS A 129 11.36 -7.52 -9.43
CA HIS A 129 12.54 -8.17 -9.96
C HIS A 129 12.68 -8.07 -11.47
N SER A 130 13.93 -8.16 -11.90
CA SER A 130 14.28 -8.05 -13.29
C SER A 130 14.75 -9.40 -13.82
N LYS A 131 14.59 -9.62 -15.12
CA LYS A 131 15.08 -10.85 -15.76
C LYS A 131 16.55 -10.73 -16.08
N ASP A 132 17.08 -9.52 -15.99
CA ASP A 132 18.45 -9.28 -16.35
C ASP A 132 19.33 -9.79 -15.22
N PRO A 133 20.13 -10.85 -15.50
CA PRO A 133 20.96 -11.41 -14.43
C PRO A 133 22.05 -10.44 -13.99
N GLY A 134 22.27 -9.37 -14.75
CA GLY A 134 23.17 -8.30 -14.33
C GLY A 134 22.52 -7.22 -13.47
N ALA A 135 21.19 -7.21 -13.40
CA ALA A 135 20.49 -6.09 -12.78
C ALA A 135 20.54 -6.16 -11.26
N LEU A 136 20.51 -4.98 -10.63
CA LEU A 136 20.47 -4.91 -9.18
C LEU A 136 19.21 -5.63 -8.67
N MET A 137 18.12 -5.50 -9.43
CA MET A 137 16.81 -6.06 -9.09
C MET A 137 16.62 -7.53 -9.52
N PHE A 138 17.68 -8.14 -10.04
CA PHE A 138 17.67 -9.57 -10.28
C PHE A 138 17.29 -10.28 -8.97
N PRO A 139 16.45 -11.32 -9.03
CA PRO A 139 15.95 -12.02 -7.82
C PRO A 139 17.00 -12.66 -6.92
N ILE A 140 18.15 -13.04 -7.49
CA ILE A 140 19.17 -13.82 -6.78
C ILE A 140 20.41 -13.01 -6.42
N TYR A 141 20.71 -12.97 -5.12
CA TYR A 141 21.97 -12.40 -4.61
C TYR A 141 23.23 -13.10 -5.14
N THR A 142 24.10 -12.32 -5.79
CA THR A 142 25.48 -12.71 -6.05
C THR A 142 26.32 -11.48 -5.73
N TYR A 143 27.61 -11.68 -5.47
CA TYR A 143 28.48 -10.55 -5.16
C TYR A 143 29.55 -10.36 -6.25
N THR A 144 29.79 -9.10 -6.65
CA THR A 144 30.84 -8.73 -7.62
C THR A 144 32.25 -9.00 -7.12
N HIS A 148 34.02 -0.92 -7.53
CA HIS A 148 33.20 0.27 -7.72
C HIS A 148 31.79 -0.07 -8.22
N PHE A 149 30.77 0.27 -7.41
CA PHE A 149 29.38 -0.02 -7.75
C PHE A 149 28.77 0.95 -8.78
N MET A 150 28.13 0.36 -9.79
CA MET A 150 27.45 1.12 -10.82
C MET A 150 26.07 0.52 -10.98
N LEU A 151 25.04 1.35 -10.90
CA LEU A 151 23.67 0.88 -11.12
C LEU A 151 23.51 0.44 -12.55
N PRO A 152 23.12 -0.83 -12.75
CA PRO A 152 22.97 -1.33 -14.12
C PRO A 152 21.86 -0.61 -14.87
N ASP A 153 21.97 -0.58 -16.20
CA ASP A 153 21.06 0.22 -17.00
C ASP A 153 19.62 -0.22 -16.86
N ASP A 154 19.42 -1.53 -16.68
CA ASP A 154 18.08 -2.07 -16.52
C ASP A 154 17.40 -1.44 -15.29
N ASP A 155 18.13 -1.30 -14.20
CA ASP A 155 17.59 -0.70 -12.98
C ASP A 155 17.41 0.80 -13.13
N VAL A 156 18.32 1.46 -13.85
CA VAL A 156 18.14 2.86 -14.21
C VAL A 156 16.83 3.04 -14.96
N GLN A 157 16.60 2.19 -15.98
CA GLN A 157 15.40 2.32 -16.82
C GLN A 157 14.15 2.11 -16.00
N GLY A 158 14.16 1.09 -15.16
CA GLY A 158 13.03 0.80 -14.31
C GLY A 158 12.69 1.95 -13.39
N ILE A 159 13.65 2.41 -12.61
CA ILE A 159 13.37 3.45 -11.62
C ILE A 159 12.98 4.79 -12.30
N GLN A 160 13.55 5.06 -13.46
CA GLN A 160 13.28 6.32 -14.13
C GLN A 160 11.89 6.26 -14.77
N SER A 161 11.43 5.05 -15.10
CA SER A 161 10.08 4.88 -15.61
C SER A 161 9.06 5.27 -14.54
N LEU A 162 9.47 5.20 -13.28
CA LEU A 162 8.63 5.54 -12.15
C LEU A 162 8.73 7.00 -11.71
N TYR A 163 9.95 7.54 -11.68
CA TYR A 163 10.20 8.85 -11.05
C TYR A 163 10.82 9.87 -11.95
N GLY A 164 11.19 9.47 -13.18
CA GLY A 164 11.96 10.33 -14.08
C GLY A 164 13.45 10.32 -13.76
N PRO A 165 14.28 10.96 -14.60
CA PRO A 165 15.73 10.92 -14.38
C PRO A 165 16.22 11.89 -13.32
N GLY A 166 15.39 12.86 -12.93
CA GLY A 166 15.85 13.96 -12.10
C GLY A 166 16.85 14.74 -12.93
N ASP A 167 17.81 15.38 -12.28
CA ASP A 167 18.85 16.13 -12.97
C ASP A 167 19.77 15.16 -13.69
N GLU A 168 19.75 15.21 -15.02
CA GLU A 168 20.54 14.32 -15.86
C GLU A 168 22.04 14.65 -15.86
N ASP A 169 22.40 15.80 -15.31
CA ASP A 169 23.81 16.15 -15.09
C ASP A 169 24.05 16.96 -13.81
N TYR B 1 13.28 -4.86 -16.68
CA TYR B 1 12.84 -4.60 -15.29
C TYR B 1 11.37 -4.88 -15.15
N ASN B 2 10.88 -4.81 -13.90
CA ASN B 2 9.46 -4.85 -13.61
C ASN B 2 9.06 -3.82 -12.55
N VAL B 3 7.88 -3.25 -12.72
CA VAL B 3 7.29 -2.44 -11.67
C VAL B 3 6.15 -3.27 -11.08
N PHE B 4 5.35 -2.69 -10.19
CA PHE B 4 4.19 -3.39 -9.64
C PHE B 4 2.93 -2.92 -10.35
N THR B 7 -3.46 -3.01 -11.33
CA THR B 7 -4.41 -2.71 -12.40
C THR B 7 -5.37 -1.59 -11.99
N LEU B 8 -5.59 -0.68 -12.93
CA LEU B 8 -6.33 0.56 -12.69
C LEU B 8 -7.83 0.34 -12.41
N LYS B 9 -8.36 -0.80 -12.84
CA LYS B 9 -9.80 -1.03 -12.80
C LYS B 9 -10.18 -2.50 -13.03
N TRP B 10 -11.34 -2.89 -12.53
CA TRP B 10 -11.87 -4.24 -12.74
C TRP B 10 -12.06 -4.54 -14.22
N SER B 11 -11.50 -5.66 -14.67
CA SER B 11 -11.53 -6.07 -16.08
C SER B 11 -12.93 -6.54 -16.44
N LYS B 12 -13.69 -6.91 -15.41
CA LYS B 12 -15.08 -7.31 -15.57
C LYS B 12 -15.98 -6.24 -14.96
N MET B 13 -17.21 -6.18 -15.43
CA MET B 13 -18.21 -5.23 -14.90
C MET B 13 -19.04 -5.89 -13.81
N ASN B 14 -19.12 -7.21 -13.86
CA ASN B 14 -19.87 -7.99 -12.89
C ASN B 14 -19.01 -8.43 -11.72
N LEU B 15 -19.14 -7.68 -10.61
CA LEU B 15 -18.38 -7.90 -9.39
C LEU B 15 -19.23 -8.56 -8.32
N THR B 16 -18.56 -9.34 -7.48
CA THR B 16 -19.22 -9.94 -6.33
C THR B 16 -18.70 -9.34 -5.04
N TYR B 17 -19.57 -9.31 -4.03
CA TYR B 17 -19.17 -8.92 -2.71
C TYR B 17 -19.75 -9.87 -1.68
N ARG B 18 -19.13 -9.87 -0.50
CA ARG B 18 -19.56 -10.71 0.58
C ARG B 18 -19.48 -9.91 1.87
N ILE B 19 -20.58 -9.87 2.63
CA ILE B 19 -20.53 -9.30 3.97
C ILE B 19 -20.10 -10.45 4.87
N VAL B 20 -18.82 -10.46 5.25
CA VAL B 20 -18.25 -11.55 6.02
C VAL B 20 -18.76 -11.60 7.47
N ASN B 21 -18.89 -10.44 8.10
CA ASN B 21 -19.46 -10.39 9.44
C ASN B 21 -20.17 -9.05 9.62
N TYR B 22 -20.68 -8.81 10.82
CA TYR B 22 -21.62 -7.71 11.02
C TYR B 22 -21.29 -6.90 12.26
N THR B 23 -21.54 -5.61 12.18
CA THR B 23 -21.37 -4.75 13.34
C THR B 23 -22.47 -5.00 14.39
N PRO B 24 -22.12 -4.86 15.68
CA PRO B 24 -23.14 -4.85 16.75
C PRO B 24 -24.09 -3.65 16.62
N ASP B 25 -23.63 -2.59 15.97
CA ASP B 25 -24.31 -1.28 16.01
C ASP B 25 -25.61 -1.20 15.23
N MET B 26 -25.79 -2.08 14.24
CA MET B 26 -26.95 -2.02 13.36
C MET B 26 -27.47 -3.43 13.14
N THR B 27 -28.73 -3.55 12.75
CA THR B 27 -29.27 -4.86 12.38
C THR B 27 -28.60 -5.35 11.09
N HIS B 28 -28.69 -6.66 10.86
CA HIS B 28 -28.20 -7.27 9.64
C HIS B 28 -28.80 -6.58 8.43
N SER B 29 -30.13 -6.45 8.42
CA SER B 29 -30.83 -5.79 7.31
C SER B 29 -30.35 -4.36 7.11
N GLU B 30 -30.20 -3.60 8.20
CA GLU B 30 -29.66 -2.23 8.09
C GLU B 30 -28.27 -2.20 7.46
N VAL B 31 -27.39 -3.09 7.89
CA VAL B 31 -26.04 -3.22 7.35
C VAL B 31 -26.11 -3.62 5.87
N GLU B 32 -26.94 -4.61 5.56
CA GLU B 32 -27.11 -5.09 4.19
C GLU B 32 -27.64 -4.00 3.25
N LYS B 33 -28.64 -3.25 3.72
CA LYS B 33 -29.21 -2.13 2.98
C LYS B 33 -28.17 -1.05 2.71
N ALA B 34 -27.39 -0.72 3.73
CA ALA B 34 -26.34 0.29 3.63
C ALA B 34 -25.29 -0.08 2.59
N PHE B 35 -24.92 -1.36 2.54
CA PHE B 35 -23.96 -1.82 1.56
C PHE B 35 -24.57 -1.90 0.15
N LYS B 36 -25.80 -2.41 0.03
CA LYS B 36 -26.47 -2.53 -1.27
C LYS B 36 -26.58 -1.13 -1.89
N LYS B 37 -26.98 -0.19 -1.04
CA LYS B 37 -27.16 1.20 -1.41
C LYS B 37 -25.81 1.85 -1.75
N ALA B 38 -24.76 1.51 -1.00
CA ALA B 38 -23.41 2.02 -1.29
C ALA B 38 -22.81 1.51 -2.60
N PHE B 39 -23.13 0.27 -2.99
CA PHE B 39 -22.78 -0.21 -4.33
C PHE B 39 -23.61 0.45 -5.43
N LYS B 40 -24.91 0.61 -5.20
CA LYS B 40 -25.83 1.27 -6.13
C LYS B 40 -25.36 2.67 -6.53
N VAL B 41 -24.77 3.38 -5.58
CA VAL B 41 -24.07 4.64 -5.84
C VAL B 41 -23.19 4.52 -7.09
N TRP B 42 -22.42 3.43 -7.17
CA TRP B 42 -21.47 3.29 -8.28
C TRP B 42 -22.06 2.58 -9.49
N SER B 43 -22.90 1.58 -9.25
CA SER B 43 -23.52 0.85 -10.35
C SER B 43 -24.52 1.72 -11.12
N ASP B 44 -25.12 2.67 -10.41
CA ASP B 44 -26.05 3.66 -10.99
C ASP B 44 -25.46 4.52 -12.09
N VAL B 45 -24.15 4.75 -12.07
CA VAL B 45 -23.50 5.64 -13.04
C VAL B 45 -22.35 4.98 -13.81
N THR B 46 -22.31 3.65 -13.79
CA THR B 46 -21.37 2.85 -14.58
C THR B 46 -22.10 1.60 -15.10
N PRO B 47 -21.43 0.75 -15.92
CA PRO B 47 -22.02 -0.54 -16.22
C PRO B 47 -21.64 -1.61 -15.17
N LEU B 48 -20.95 -1.20 -14.12
CA LEU B 48 -20.64 -2.07 -12.97
C LEU B 48 -21.92 -2.66 -12.39
N ASN B 49 -21.88 -3.96 -12.12
CA ASN B 49 -22.94 -4.62 -11.37
C ASN B 49 -22.34 -5.33 -10.19
N PHE B 50 -23.10 -5.42 -9.11
CA PHE B 50 -22.59 -6.02 -7.89
C PHE B 50 -23.55 -7.11 -7.41
N THR B 51 -23.00 -8.30 -7.27
CA THR B 51 -23.74 -9.46 -6.80
C THR B 51 -23.25 -9.80 -5.41
N ARG B 52 -24.19 -10.00 -4.50
CA ARG B 52 -23.85 -10.39 -3.16
C ARG B 52 -23.71 -11.90 -3.07
N LEU B 53 -22.55 -12.34 -2.58
CA LEU B 53 -22.30 -13.73 -2.25
C LEU B 53 -22.49 -13.93 -0.74
N HIS B 54 -23.03 -15.08 -0.34
CA HIS B 54 -23.21 -15.38 1.07
C HIS B 54 -22.07 -16.20 1.67
N ASP B 55 -21.25 -16.78 0.80
CA ASP B 55 -20.03 -17.50 1.20
C ASP B 55 -18.99 -17.59 0.08
N GLY B 56 -17.85 -18.18 0.40
CA GLY B 56 -16.72 -18.26 -0.50
C GLY B 56 -16.06 -16.90 -0.69
N ILE B 57 -15.17 -16.82 -1.67
CA ILE B 57 -14.41 -15.60 -1.94
C ILE B 57 -15.12 -14.72 -2.99
N ALA B 58 -15.41 -13.49 -2.61
CA ALA B 58 -15.95 -12.49 -3.52
C ALA B 58 -14.85 -11.50 -3.85
N ASP B 59 -15.03 -10.77 -4.95
CA ASP B 59 -14.12 -9.67 -5.30
C ASP B 59 -13.92 -8.69 -4.16
N ILE B 60 -15.02 -8.18 -3.62
CA ILE B 60 -14.97 -7.20 -2.53
C ILE B 60 -15.45 -7.93 -1.27
N MET B 61 -14.49 -8.37 -0.45
CA MET B 61 -14.82 -8.99 0.81
C MET B 61 -15.04 -7.87 1.82
N ILE B 62 -16.24 -7.83 2.42
CA ILE B 62 -16.55 -6.80 3.42
C ILE B 62 -16.50 -7.39 4.84
N SER B 63 -15.79 -6.71 5.74
CA SER B 63 -15.77 -7.13 7.15
C SER B 63 -15.60 -5.99 8.13
N PHE B 64 -16.07 -6.23 9.35
CA PHE B 64 -15.91 -5.29 10.44
C PHE B 64 -14.86 -5.87 11.37
N GLY B 65 -13.89 -5.04 11.74
CA GLY B 65 -12.86 -5.47 12.68
C GLY B 65 -12.41 -4.31 13.56
N ILE B 66 -11.62 -4.64 14.56
CA ILE B 66 -11.01 -3.61 15.38
C ILE B 66 -9.51 -3.87 15.46
N LYS B 67 -8.74 -2.82 15.77
CA LYS B 67 -7.30 -2.92 15.95
C LYS B 67 -6.68 -3.72 14.81
N GLU B 68 -5.83 -4.67 15.15
CA GLU B 68 -5.20 -5.52 14.14
C GLU B 68 -6.16 -6.66 13.80
N HIS B 69 -6.60 -6.71 12.55
CA HIS B 69 -7.70 -7.57 12.13
C HIS B 69 -7.31 -8.39 10.90
N GLY B 70 -6.01 -8.54 10.68
CA GLY B 70 -5.51 -9.45 9.66
C GLY B 70 -4.91 -8.92 8.38
N ASP B 71 -4.49 -7.65 8.36
CA ASP B 71 -3.79 -7.13 7.15
C ASP B 71 -2.64 -6.17 7.48
N PHE B 72 -2.26 -6.12 8.76
CA PHE B 72 -1.22 -5.20 9.27
C PHE B 72 -1.45 -3.71 9.01
N TYR B 73 -2.68 -3.35 8.69
CA TYR B 73 -3.12 -1.97 8.75
C TYR B 73 -4.13 -1.86 9.89
N PRO B 74 -3.63 -1.81 11.14
CA PRO B 74 -4.58 -1.93 12.24
C PRO B 74 -5.44 -0.68 12.39
N PHE B 75 -6.66 -0.88 12.89
CA PHE B 75 -7.52 0.23 13.29
C PHE B 75 -7.08 0.78 14.63
N ASP B 76 -7.76 1.81 15.12
CA ASP B 76 -7.15 2.64 16.15
C ASP B 76 -8.09 3.06 17.26
N GLY B 77 -9.18 2.31 17.42
CA GLY B 77 -10.14 2.62 18.47
C GLY B 77 -11.13 3.66 17.99
N PRO B 78 -11.87 4.29 18.91
CA PRO B 78 -12.87 5.25 18.45
C PRO B 78 -12.25 6.41 17.66
N SER B 79 -12.94 6.87 16.62
CA SER B 79 -12.48 7.95 15.72
C SER B 79 -11.13 7.68 15.05
N GLY B 80 -10.50 8.71 14.48
CA GLY B 80 -9.29 8.54 13.67
C GLY B 80 -9.66 7.71 12.44
N LEU B 81 -8.93 6.63 12.19
CA LEU B 81 -9.28 5.72 11.08
C LEU B 81 -10.71 5.15 11.24
N LEU B 82 -11.48 5.10 10.16
CA LEU B 82 -12.86 4.62 10.24
C LEU B 82 -13.04 3.31 9.52
N ALA B 83 -12.27 3.14 8.45
CA ALA B 83 -12.43 2.07 7.48
C ALA B 83 -11.34 2.24 6.44
N HIS B 84 -10.94 1.16 5.80
CA HIS B 84 -10.11 1.27 4.62
C HIS B 84 -10.52 0.19 3.64
N ALA B 85 -10.10 0.36 2.41
CA ALA B 85 -10.41 -0.56 1.35
C ALA B 85 -9.20 -0.63 0.43
N PHE B 86 -9.08 -1.75 -0.28
CA PHE B 86 -7.94 -1.98 -1.17
C PHE B 86 -8.36 -1.70 -2.60
N PRO B 87 -7.43 -1.13 -3.41
CA PRO B 87 -7.72 -0.83 -4.81
C PRO B 87 -7.90 -2.13 -5.60
N PRO B 88 -8.48 -2.06 -6.81
CA PRO B 88 -8.84 -3.30 -7.51
C PRO B 88 -7.67 -4.25 -7.67
N GLY B 89 -7.97 -5.55 -7.69
CA GLY B 89 -6.97 -6.59 -7.78
C GLY B 89 -7.48 -7.86 -7.13
N PRO B 90 -6.66 -8.93 -7.17
CA PRO B 90 -7.02 -10.19 -6.56
C PRO B 90 -6.76 -10.17 -5.05
N ASN B 91 -7.34 -11.15 -4.35
CA ASN B 91 -7.12 -11.34 -2.91
C ASN B 91 -7.67 -10.18 -2.07
N TYR B 92 -6.82 -9.53 -1.27
CA TYR B 92 -7.23 -8.34 -0.52
C TYR B 92 -7.75 -7.21 -1.43
N GLY B 93 -7.35 -7.22 -2.69
CA GLY B 93 -7.83 -6.23 -3.67
C GLY B 93 -9.34 -6.10 -3.67
N GLY B 94 -9.81 -4.85 -3.58
CA GLY B 94 -11.24 -4.56 -3.54
C GLY B 94 -11.85 -4.61 -2.14
N ASP B 95 -11.22 -5.35 -1.22
CA ASP B 95 -11.79 -5.61 0.12
C ASP B 95 -11.95 -4.32 0.92
N ALA B 96 -12.97 -4.30 1.78
CA ALA B 96 -13.26 -3.15 2.64
C ALA B 96 -13.46 -3.59 4.09
N HIS B 97 -12.76 -2.91 5.00
CA HIS B 97 -12.83 -3.20 6.42
C HIS B 97 -13.33 -1.97 7.13
N PHE B 98 -14.15 -2.16 8.15
CA PHE B 98 -14.76 -1.06 8.85
C PHE B 98 -14.41 -1.18 10.32
N ASP B 99 -13.93 -0.09 10.90
CA ASP B 99 -13.38 -0.13 12.25
C ASP B 99 -14.57 -0.18 13.19
N ASP B 100 -14.73 -1.31 13.86
CA ASP B 100 -15.92 -1.50 14.67
C ASP B 100 -15.83 -0.79 16.03
N ASP B 101 -14.70 -0.13 16.26
CA ASP B 101 -14.64 0.78 17.41
C ASP B 101 -15.36 2.10 17.10
N GLU B 102 -15.78 2.27 15.84
CA GLU B 102 -16.74 3.33 15.49
C GLU B 102 -18.13 2.85 15.80
N THR B 103 -19.05 3.79 16.06
CA THR B 103 -20.46 3.47 16.09
C THR B 103 -21.03 3.72 14.69
N TRP B 104 -21.47 2.63 14.06
CA TRP B 104 -22.02 2.66 12.72
C TRP B 104 -23.51 2.82 12.81
N THR B 105 -24.04 3.78 12.05
CA THR B 105 -25.45 4.04 12.07
C THR B 105 -25.98 4.23 10.66
N SER B 106 -27.30 4.29 10.56
CA SER B 106 -27.96 4.69 9.34
C SER B 106 -28.46 6.12 9.48
N SER B 107 -27.79 6.93 10.31
CA SER B 107 -28.16 8.33 10.53
C SER B 107 -26.95 9.26 10.65
N SER B 108 -27.16 10.43 11.28
CA SER B 108 -26.07 11.39 11.56
C SER B 108 -25.20 10.95 12.73
N LYS B 109 -25.75 10.10 13.59
CA LYS B 109 -25.04 9.66 14.79
C LYS B 109 -23.80 8.87 14.37
N GLY B 110 -22.71 9.06 15.09
CA GLY B 110 -21.48 8.32 14.86
C GLY B 110 -21.07 8.47 13.42
N TYR B 111 -20.82 7.35 12.77
CA TYR B 111 -20.51 7.34 11.36
C TYR B 111 -21.56 6.59 10.56
N ASN B 112 -22.06 7.25 9.53
CA ASN B 112 -23.07 6.67 8.66
C ASN B 112 -22.41 5.62 7.78
N LEU B 113 -22.86 4.38 7.94
CA LEU B 113 -22.23 3.23 7.29
C LEU B 113 -22.28 3.31 5.76
N PHE B 114 -23.47 3.58 5.24
CA PHE B 114 -23.69 3.73 3.81
C PHE B 114 -22.69 4.74 3.23
N LEU B 115 -22.55 5.88 3.91
CA LEU B 115 -21.69 6.98 3.47
C LEU B 115 -20.24 6.55 3.43
N VAL B 116 -19.77 5.98 4.53
CA VAL B 116 -18.40 5.47 4.59
C VAL B 116 -18.19 4.33 3.60
N ALA B 117 -19.13 3.40 3.54
CA ALA B 117 -19.04 2.30 2.59
C ALA B 117 -19.02 2.78 1.13
N ALA B 118 -19.86 3.77 0.82
CA ALA B 118 -19.94 4.32 -0.53
C ALA B 118 -18.57 4.88 -0.92
N HIS B 119 -18.02 5.71 -0.02
CA HIS B 119 -16.65 6.20 -0.11
C HIS B 119 -15.64 5.09 -0.35
N GLU B 120 -15.62 4.11 0.54
CA GLU B 120 -14.63 3.03 0.49
C GLU B 120 -14.76 2.19 -0.77
N PHE B 121 -15.99 1.93 -1.20
CA PHE B 121 -16.21 1.19 -2.44
C PHE B 121 -15.68 1.92 -3.66
N GLY B 122 -15.59 3.25 -3.58
CA GLY B 122 -14.99 4.05 -4.63
C GLY B 122 -13.53 3.70 -4.74
N HIS B 123 -12.87 3.58 -3.59
CA HIS B 123 -11.50 3.06 -3.49
C HIS B 123 -11.35 1.65 -4.07
N SER B 124 -12.30 0.78 -3.72
CA SER B 124 -12.34 -0.60 -4.20
C SER B 124 -12.45 -0.69 -5.71
N LEU B 125 -13.04 0.35 -6.31
CA LEU B 125 -13.23 0.41 -7.76
C LEU B 125 -12.12 1.17 -8.53
N GLY B 126 -11.17 1.76 -7.79
CA GLY B 126 -10.02 2.43 -8.39
C GLY B 126 -9.99 3.94 -8.26
N LEU B 127 -10.77 4.48 -7.32
CA LEU B 127 -10.76 5.91 -7.05
C LEU B 127 -9.97 6.25 -5.80
N ASP B 128 -9.11 7.25 -5.94
CA ASP B 128 -8.33 7.80 -4.84
C ASP B 128 -9.15 8.93 -4.24
N HIS B 129 -8.55 9.69 -3.34
CA HIS B 129 -9.24 10.83 -2.80
C HIS B 129 -9.34 11.96 -3.81
N SER B 130 -10.50 12.61 -3.82
CA SER B 130 -10.71 13.81 -4.59
C SER B 130 -10.26 15.00 -3.75
N LYS B 131 -9.82 16.05 -4.43
CA LYS B 131 -9.50 17.34 -3.81
C LYS B 131 -10.77 18.20 -3.58
N ASP B 132 -11.81 17.93 -4.37
CA ASP B 132 -13.10 18.62 -4.29
C ASP B 132 -13.81 18.33 -2.96
N PRO B 133 -13.97 19.36 -2.10
CA PRO B 133 -14.50 19.18 -0.72
C PRO B 133 -15.94 18.70 -0.64
N GLY B 134 -16.67 18.83 -1.74
CA GLY B 134 -18.05 18.35 -1.81
C GLY B 134 -18.18 16.94 -2.34
N ALA B 135 -17.08 16.39 -2.85
CA ALA B 135 -17.07 15.05 -3.42
C ALA B 135 -17.24 13.99 -2.35
N LEU B 136 -17.82 12.85 -2.74
CA LEU B 136 -17.88 11.71 -1.85
C LEU B 136 -16.47 11.20 -1.53
N MET B 137 -15.54 11.39 -2.49
CA MET B 137 -14.20 10.83 -2.36
C MET B 137 -13.21 11.80 -1.71
N PHE B 138 -13.73 12.84 -1.06
CA PHE B 138 -12.90 13.75 -0.26
C PHE B 138 -12.35 12.99 0.96
N PRO B 139 -11.14 13.34 1.43
CA PRO B 139 -10.62 12.53 2.55
C PRO B 139 -11.23 12.81 3.94
N ILE B 140 -12.03 13.87 4.07
CA ILE B 140 -12.63 14.23 5.36
C ILE B 140 -14.11 13.89 5.42
N TYR B 141 -14.52 13.15 6.46
CA TYR B 141 -15.93 12.81 6.67
C TYR B 141 -16.77 13.97 7.21
N THR B 142 -17.80 14.32 6.47
CA THR B 142 -18.82 15.23 6.98
C THR B 142 -20.18 14.59 6.77
N TYR B 143 -21.16 15.00 7.56
CA TYR B 143 -22.52 14.52 7.39
C TYR B 143 -23.43 15.66 6.96
N THR B 144 -23.82 15.65 5.69
CA THR B 144 -24.65 16.72 5.12
C THR B 144 -26.11 16.27 5.07
N GLY B 145 -26.92 16.88 5.92
CA GLY B 145 -28.35 16.62 5.97
C GLY B 145 -28.72 15.24 6.50
N HIS B 148 -31.62 11.81 1.00
CA HIS B 148 -31.34 11.35 -0.36
C HIS B 148 -29.93 11.68 -0.78
N PHE B 149 -29.15 10.64 -1.06
CA PHE B 149 -27.78 10.83 -1.50
C PHE B 149 -27.72 11.03 -3.00
N MET B 150 -27.07 12.12 -3.41
CA MET B 150 -26.80 12.41 -4.80
C MET B 150 -25.28 12.32 -4.98
N LEU B 151 -24.83 11.40 -5.81
CA LEU B 151 -23.41 11.28 -6.08
C LEU B 151 -22.95 12.54 -6.84
N PRO B 152 -22.01 13.33 -6.24
CA PRO B 152 -21.58 14.59 -6.89
C PRO B 152 -20.87 14.33 -8.23
N ASP B 153 -20.93 15.31 -9.13
CA ASP B 153 -20.44 15.15 -10.50
C ASP B 153 -18.98 14.76 -10.57
N ASP B 154 -18.19 15.23 -9.60
CA ASP B 154 -16.79 14.89 -9.56
C ASP B 154 -16.56 13.38 -9.44
N ASP B 155 -17.29 12.75 -8.51
CA ASP B 155 -17.21 11.31 -8.30
C ASP B 155 -17.77 10.59 -9.53
N VAL B 156 -18.76 11.21 -10.18
CA VAL B 156 -19.43 10.66 -11.36
C VAL B 156 -18.42 10.57 -12.50
N GLN B 157 -17.80 11.69 -12.84
CA GLN B 157 -16.80 11.72 -13.89
C GLN B 157 -15.59 10.86 -13.52
N GLY B 158 -15.24 10.86 -12.23
CA GLY B 158 -14.13 10.06 -11.72
C GLY B 158 -14.26 8.57 -11.97
N ILE B 159 -15.39 8.01 -11.57
CA ILE B 159 -15.65 6.59 -11.77
C ILE B 159 -15.93 6.27 -13.24
N GLN B 160 -16.46 7.24 -13.97
CA GLN B 160 -16.76 7.06 -15.39
C GLN B 160 -15.50 7.12 -16.22
N SER B 161 -14.51 7.88 -15.73
CA SER B 161 -13.21 7.99 -16.40
C SER B 161 -12.56 6.61 -16.45
N LEU B 162 -13.06 5.71 -15.60
CA LEU B 162 -12.54 4.37 -15.49
C LEU B 162 -13.41 3.35 -16.21
N TYR B 163 -14.73 3.47 -16.02
CA TYR B 163 -15.67 2.41 -16.36
C TYR B 163 -16.73 2.76 -17.39
N GLY B 164 -16.77 4.03 -17.82
CA GLY B 164 -17.82 4.50 -18.69
C GLY B 164 -19.17 4.53 -17.96
N PRO B 165 -20.19 5.12 -18.60
CA PRO B 165 -21.51 5.20 -17.98
C PRO B 165 -22.35 3.95 -18.25
ZN ZN C . 13.98 -8.62 -4.33
ZN ZN D . 9.31 -8.31 7.35
CA CA E . 17.48 -16.16 6.23
CA CA F . 6.44 2.80 5.47
NA NA G . 23.24 -11.13 11.94
C18 WGG H . 26.84 -4.23 -9.62
C17 WGG H . 25.54 -3.94 -10.00
C7 WGG H . 20.70 -7.93 -3.52
C19 WGG H . 27.08 -5.37 -8.87
C8 WGG H . 20.99 -8.06 -4.86
C16 WGG H . 24.50 -4.77 -9.63
C6 WGG H . 19.71 -8.70 -2.94
C4 WGG H . 19.31 -9.72 -5.05
C20 WGG H . 26.03 -6.19 -8.52
C3 WGG H . 20.29 -8.95 -5.63
C15 WGG H . 24.73 -5.91 -8.89
C5 WGG H . 19.01 -9.60 -3.72
C21 WGG H . 26.31 -7.40 -7.73
C13 WGG H . 23.94 -7.78 -7.84
C11 WGG H . 22.85 -8.72 -7.40
C10 WGG H . 17.68 -10.00 -1.88
C2 WGG H . 20.53 -9.16 -7.10
N14 WGG H . 23.67 -6.72 -8.53
N23 WGG H . 25.19 -8.14 -7.43
N1 WGG H . 21.57 -8.34 -7.67
O22 WGG H . 27.45 -7.66 -7.39
O12 WGG H . 23.16 -9.75 -6.82
O9 WGG H . 18.00 -10.42 -3.21
ZN ZN I . -10.80 7.33 1.41
ZN ZN J . -8.04 -3.93 7.23
CA CA K . -11.10 4.32 14.50
CA CA L . -10.86 -9.13 -2.91
NA NA M . -19.08 -0.47 16.72
C18 WGG N . -23.73 13.98 -0.42
C17 WGG N . -22.68 13.87 -1.32
C7 WGG N . -17.20 8.93 3.85
C19 WGG N . -23.49 13.91 0.94
C8 WGG N . -17.22 10.06 3.06
C16 WGG N . -21.40 13.66 -0.86
C6 WGG N . -16.06 8.60 4.55
C4 WGG N . -14.97 10.54 3.70
C20 WGG N . -22.19 13.70 1.37
C3 WGG N . -16.10 10.88 2.98
C15 WGG N . -21.14 13.57 0.50
C5 WGG N . -14.94 9.41 4.47
C21 WGG N . -21.95 13.62 2.82
C13 WGG N . -19.64 13.30 2.20
C11 WGG N . -18.29 13.06 2.77
C10 WGG N . -13.51 7.71 5.07
C2 WGG N . -16.09 12.12 2.15
N14 WGG N . -19.82 13.36 0.92
N23 WGG N . -20.63 13.41 3.14
N1 WGG N . -17.38 12.68 1.81
O22 WGG N . -22.86 13.72 3.62
O12 WGG N . -18.12 13.19 3.97
O9 WGG N . -13.78 9.11 5.18
#